data_9AUA
#
_entry.id   9AUA
#
_cell.length_a   58.640
_cell.length_b   58.640
_cell.length_c   249.830
_cell.angle_alpha   90.00
_cell.angle_beta   90.00
_cell.angle_gamma   120.00
#
_symmetry.space_group_name_H-M   'P 32 2 1'
#
loop_
_entity.id
_entity.type
_entity.pdbx_description
1 polymer BesB
2 non-polymer 1,2-ETHANEDIOL
3 non-polymer 'ACETATE ION'
4 non-polymer '(3E)-4-{3-hydroxy-2-methyl-5-[(phosphonooxy)methyl]pyridin-4-yl}-2-oxobut-3-enoic acid'
5 non-polymer 'MAGNESIUM ION'
6 water water
#
_entity_poly.entity_id   1
_entity_poly.type   'polypeptide(L)'
_entity_poly.pdbx_seq_one_letter_code
;MGHHHHHHMSQAVSGTTGSADGLRHIAAGRPVPGSVHSVSVSIPDVASVIGYESNDAATLSRISWGYPRFRPHPYVVRVA
ELAAREDPAGERGGALLLTRSARAARAAAAYAGLPPGAARDLTLGGHVLSGVRLPDRGPGAARARAHVMHTGGHLSSRQA
EDVLWDAGLIDGRQVEETADDSPARAVAQALAGAYGVPGPRYVALRNSGMNAVAAAVEAVTEIQRDSGRRHWLQLGWIFF
DTMHLFEKKVVNVGHTTVPDPFDLAEVARVAAAHAGGLAGIIAEIPSNPGMGVPDLPALREIADRAGCALVVDATIATPH
NVDVVPYADVVCESLTKYATGSADVLAGAVVVAPGSPFAADLLTVLPRYGDEPYRRDTARVAARIRGYAERMVRVNANAL
ALAECLRRHPDVVRDTSWALDTRSAANYRKVARDSGGPGGLLMVDLEVPLELVYDRLAVAKGPSFGAEFTMASPQVFVAH
YDLLTTPRGRAALRARGLHRDMLRVSVGTEPPELIVETFERALRPDKLRSLEHHHHHH
;
_entity_poly.pdbx_strand_id   A
#
# COMPACT_ATOMS: atom_id res chain seq x y z
N ASP A 21 -12.87 0.61 -20.37
CA ASP A 21 -13.67 1.77 -19.97
C ASP A 21 -12.80 2.87 -19.38
N GLY A 22 -11.48 2.76 -19.57
CA GLY A 22 -10.56 3.75 -19.06
C GLY A 22 -10.49 4.99 -19.95
N LEU A 23 -9.72 5.97 -19.48
CA LEU A 23 -9.45 7.20 -20.22
C LEU A 23 -10.70 8.05 -20.44
N ARG A 24 -11.56 8.10 -19.41
CA ARG A 24 -12.76 8.94 -19.47
C ARG A 24 -12.86 9.77 -18.19
N HIS A 25 -13.66 10.83 -18.27
CA HIS A 25 -13.99 11.62 -17.10
C HIS A 25 -15.01 10.88 -16.25
N ILE A 26 -14.74 10.75 -14.96
CA ILE A 26 -15.63 10.08 -14.02
C ILE A 26 -16.18 11.15 -13.09
N ALA A 27 -17.51 11.15 -12.93
CA ALA A 27 -18.13 12.17 -12.10
C ALA A 27 -17.62 12.11 -10.67
N ALA A 28 -17.48 13.29 -10.06
CA ALA A 28 -16.92 13.37 -8.72
C ALA A 28 -17.74 12.55 -7.74
N GLY A 29 -17.05 11.80 -6.89
CA GLY A 29 -17.68 11.06 -5.83
C GLY A 29 -18.11 9.65 -6.20
N ARG A 30 -18.03 9.28 -7.47
CA ARG A 30 -18.42 7.92 -7.84
CA ARG A 30 -18.42 7.92 -7.84
C ARG A 30 -17.35 6.95 -7.38
N PRO A 31 -17.71 5.84 -6.73
CA PRO A 31 -16.72 4.81 -6.42
C PRO A 31 -16.10 4.30 -7.72
N VAL A 32 -14.81 4.03 -7.65
CA VAL A 32 -14.02 3.61 -8.79
C VAL A 32 -13.39 2.27 -8.41
N PRO A 33 -13.61 1.19 -9.17
CA PRO A 33 -14.24 1.12 -10.50
C PRO A 33 -15.77 1.13 -10.51
N GLY A 34 -16.42 0.97 -9.36
CA GLY A 34 -17.87 1.01 -9.31
C GLY A 34 -18.47 -0.06 -8.43
N SER A 35 -17.80 -1.21 -8.33
CA SER A 35 -18.18 -2.28 -7.41
C SER A 35 -18.44 -1.74 -6.01
N VAL A 36 -19.33 -2.43 -5.29
CA VAL A 36 -19.48 -2.22 -3.84
C VAL A 36 -18.13 -2.28 -3.14
N HIS A 37 -17.19 -3.07 -3.66
CA HIS A 37 -15.90 -3.27 -3.01
C HIS A 37 -14.80 -2.40 -3.60
N SER A 38 -15.18 -1.38 -4.37
CA SER A 38 -14.23 -0.43 -4.95
C SER A 38 -13.31 0.16 -3.89
N VAL A 39 -12.00 0.18 -4.20
CA VAL A 39 -11.05 0.81 -3.27
C VAL A 39 -10.77 2.26 -3.59
N SER A 40 -11.21 2.76 -4.74
CA SER A 40 -10.93 4.14 -5.08
C SER A 40 -12.25 4.91 -5.27
N VAL A 41 -12.12 6.19 -5.59
CA VAL A 41 -13.26 7.09 -5.74
C VAL A 41 -12.79 8.24 -6.61
N SER A 42 -13.70 8.78 -7.42
CA SER A 42 -13.34 9.88 -8.30
C SER A 42 -13.24 11.18 -7.51
N ILE A 43 -12.06 11.77 -7.48
CA ILE A 43 -11.81 13.08 -6.87
C ILE A 43 -11.15 13.89 -7.97
N PRO A 44 -11.91 14.45 -8.91
CA PRO A 44 -11.35 14.77 -10.23
C PRO A 44 -10.77 16.17 -10.39
N ASP A 45 -10.78 17.00 -9.35
CA ASP A 45 -10.20 18.33 -9.44
C ASP A 45 -9.53 18.66 -8.11
N VAL A 46 -8.58 19.59 -8.18
CA VAL A 46 -7.78 19.87 -6.98
C VAL A 46 -8.64 20.50 -5.88
N ALA A 47 -9.63 21.33 -6.25
CA ALA A 47 -10.53 21.87 -5.24
C ALA A 47 -11.17 20.74 -4.44
N SER A 48 -11.59 19.68 -5.12
CA SER A 48 -12.20 18.55 -4.42
C SER A 48 -11.17 17.80 -3.59
N VAL A 49 -9.95 17.67 -4.11
CA VAL A 49 -8.88 17.03 -3.36
C VAL A 49 -8.64 17.77 -2.05
N ILE A 50 -8.53 19.11 -2.13
CA ILE A 50 -8.32 19.90 -0.93
C ILE A 50 -9.49 19.74 0.04
N GLY A 51 -10.72 19.79 -0.47
CA GLY A 51 -11.88 19.62 0.40
C GLY A 51 -11.88 18.25 1.05
N TYR A 52 -11.50 17.23 0.30
CA TYR A 52 -11.50 15.87 0.83
C TYR A 52 -10.44 15.71 1.90
N GLU A 53 -9.21 16.15 1.61
CA GLU A 53 -8.13 15.95 2.57
C GLU A 53 -8.24 16.85 3.79
N SER A 54 -8.95 17.99 3.67
CA SER A 54 -9.17 18.87 4.80
C SER A 54 -10.48 18.55 5.52
N ASN A 55 -11.17 17.49 5.12
CA ASN A 55 -12.39 17.05 5.79
C ASN A 55 -13.50 18.10 5.75
N ASP A 56 -13.55 18.86 4.67
CA ASP A 56 -14.68 19.78 4.43
C ASP A 56 -15.99 18.99 4.33
N ALA A 57 -16.98 19.38 5.14
CA ALA A 57 -18.19 18.56 5.25
C ALA A 57 -18.95 18.48 3.92
N ALA A 58 -19.06 19.60 3.20
CA ALA A 58 -19.76 19.55 1.92
C ALA A 58 -19.08 18.62 0.94
N THR A 59 -17.74 18.66 0.91
CA THR A 59 -17.01 17.78 0.01
C THR A 59 -17.19 16.32 0.40
N LEU A 60 -17.15 16.02 1.69
CA LEU A 60 -17.28 14.65 2.14
C LEU A 60 -18.68 14.11 1.95
N SER A 61 -19.69 14.98 1.85
CA SER A 61 -21.02 14.47 1.56
C SER A 61 -21.14 14.13 0.08
N ARG A 62 -20.50 14.92 -0.78
CA ARG A 62 -20.48 14.67 -2.21
C ARG A 62 -19.55 13.51 -2.55
N ILE A 63 -18.42 13.41 -1.85
CA ILE A 63 -17.40 12.38 -2.06
C ILE A 63 -17.21 11.64 -0.73
N SER A 64 -18.13 10.75 -0.39
CA SER A 64 -18.04 10.08 0.91
C SER A 64 -17.24 8.80 0.87
N TRP A 65 -17.08 8.22 -0.31
CA TRP A 65 -16.32 6.99 -0.45
C TRP A 65 -14.83 7.27 -0.23
N GLY A 66 -14.07 6.21 0.01
CA GLY A 66 -12.63 6.36 0.14
C GLY A 66 -11.95 5.01 0.15
N TYR A 67 -10.64 5.06 0.24
CA TYR A 67 -9.87 3.83 0.36
C TYR A 67 -10.20 3.17 1.69
N PRO A 68 -10.46 1.86 1.74
CA PRO A 68 -11.10 1.29 2.94
C PRO A 68 -10.24 1.31 4.19
N ARG A 69 -8.91 1.45 4.10
CA ARG A 69 -8.13 1.64 5.32
C ARG A 69 -8.23 3.06 5.86
N PHE A 70 -8.67 4.02 5.03
CA PHE A 70 -8.70 5.43 5.41
C PHE A 70 -10.09 5.96 5.71
N ARG A 71 -11.12 5.45 5.02
CA ARG A 71 -12.50 5.90 5.22
C ARG A 71 -13.33 4.63 5.36
N PRO A 72 -13.95 4.38 6.51
CA PRO A 72 -14.63 3.08 6.72
C PRO A 72 -15.73 2.85 5.69
N HIS A 73 -15.73 1.64 5.13
CA HIS A 73 -16.74 1.28 4.15
C HIS A 73 -18.13 1.34 4.78
N PRO A 74 -19.15 1.80 4.04
CA PRO A 74 -20.49 1.93 4.64
C PRO A 74 -21.03 0.65 5.25
N TYR A 75 -20.70 -0.51 4.68
CA TYR A 75 -21.19 -1.77 5.26
C TYR A 75 -20.50 -2.06 6.59
N VAL A 76 -19.22 -1.69 6.71
CA VAL A 76 -18.52 -1.84 7.98
C VAL A 76 -19.11 -0.93 9.05
N VAL A 77 -19.40 0.32 8.67
CA VAL A 77 -20.06 1.25 9.59
C VAL A 77 -21.39 0.68 10.07
N ARG A 78 -22.19 0.15 9.14
CA ARG A 78 -23.51 -0.35 9.51
C ARG A 78 -23.40 -1.57 10.43
N VAL A 79 -22.48 -2.48 10.13
CA VAL A 79 -22.30 -3.64 10.99
C VAL A 79 -21.85 -3.20 12.38
N ALA A 80 -20.98 -2.20 12.46
CA ALA A 80 -20.53 -1.71 13.75
C ALA A 80 -21.68 -1.09 14.53
N GLU A 81 -22.53 -0.31 13.86
CA GLU A 81 -23.69 0.29 14.53
C GLU A 81 -24.64 -0.77 15.05
N LEU A 82 -24.87 -1.82 14.27
CA LEU A 82 -25.84 -2.84 14.68
C LEU A 82 -25.26 -3.77 15.73
N ALA A 83 -23.98 -4.11 15.62
CA ALA A 83 -23.35 -4.96 16.63
C ALA A 83 -23.27 -4.26 17.98
N ALA A 84 -23.06 -2.94 17.96
CA ALA A 84 -23.03 -2.18 19.20
C ALA A 84 -24.40 -2.12 19.87
N ARG A 85 -25.48 -2.19 19.08
CA ARG A 85 -26.84 -2.18 19.63
C ARG A 85 -27.18 -3.44 20.40
N GLU A 86 -26.25 -4.38 20.56
CA GLU A 86 -26.53 -5.64 21.24
C GLU A 86 -25.26 -6.22 21.86
N GLU A 91 -23.29 -2.04 26.68
CA GLU A 91 -23.95 -0.74 26.58
C GLU A 91 -23.96 -0.25 25.14
N ARG A 92 -25.11 0.27 24.71
CA ARG A 92 -25.28 0.67 23.32
C ARG A 92 -24.45 1.90 22.95
N GLY A 93 -24.07 2.71 23.93
CA GLY A 93 -23.33 3.93 23.66
C GLY A 93 -22.01 3.73 22.93
N ALA A 95 -18.41 4.19 20.74
CA ALA A 95 -17.91 3.96 19.39
C ALA A 95 -17.20 2.62 19.29
N LEU A 96 -17.40 1.92 18.18
CA LEU A 96 -16.89 0.57 17.99
C LEU A 96 -16.04 0.54 16.73
N LEU A 97 -14.78 0.14 16.88
CA LEU A 97 -13.84 0.00 15.76
C LEU A 97 -13.72 -1.49 15.44
N LEU A 98 -14.25 -1.91 14.30
CA LEU A 98 -14.21 -3.32 13.95
C LEU A 98 -12.86 -3.69 13.33
N THR A 99 -12.42 -4.91 13.59
CA THR A 99 -11.13 -5.39 13.13
C THR A 99 -11.28 -6.73 12.41
N ARG A 100 -10.19 -7.14 11.76
CA ARG A 100 -10.17 -8.41 11.05
C ARG A 100 -10.21 -9.61 12.00
N SER A 101 -9.71 -9.45 13.22
CA SER A 101 -9.54 -10.58 14.13
C SER A 101 -9.52 -10.09 15.57
N ALA A 102 -9.75 -11.03 16.49
CA ALA A 102 -9.61 -10.71 17.90
C ALA A 102 -8.16 -10.35 18.23
N ARG A 103 -7.21 -11.02 17.57
CA ARG A 103 -5.80 -10.67 17.73
C ARG A 103 -5.55 -9.21 17.36
N ALA A 104 -6.10 -8.78 16.21
CA ALA A 104 -5.93 -7.39 15.79
C ALA A 104 -6.58 -6.43 16.77
N ALA A 105 -7.76 -6.80 17.30
CA ALA A 105 -8.43 -5.94 18.28
C ALA A 105 -7.59 -5.82 19.55
N ARG A 106 -7.05 -6.93 20.04
CA ARG A 106 -6.24 -6.87 21.26
C ARG A 106 -4.99 -6.02 21.04
N ALA A 107 -4.35 -6.15 19.87
CA ALA A 107 -3.16 -5.36 19.60
C ALA A 107 -3.48 -3.88 19.53
N ALA A 108 -4.61 -3.52 18.92
CA ALA A 108 -4.99 -2.12 18.81
C ALA A 108 -5.33 -1.54 20.18
N ALA A 109 -6.05 -2.31 21.00
CA ALA A 109 -6.38 -1.85 22.35
C ALA A 109 -5.11 -1.64 23.18
N ALA A 110 -4.15 -2.58 23.09
CA ALA A 110 -2.93 -2.46 23.87
C ALA A 110 -2.11 -1.25 23.43
N TYR A 111 -1.94 -1.08 22.12
CA TYR A 111 -1.23 0.08 21.59
C TYR A 111 -1.89 1.38 22.02
N ALA A 112 -3.22 1.41 22.07
CA ALA A 112 -3.96 2.62 22.41
C ALA A 112 -4.00 2.89 23.91
N GLY A 113 -3.44 2.02 24.74
CA GLY A 113 -3.48 2.24 26.16
C GLY A 113 -4.84 1.98 26.78
N LEU A 114 -5.69 1.22 26.11
CA LEU A 114 -7.02 0.93 26.62
C LEU A 114 -6.97 -0.32 27.49
N PRO A 115 -7.95 -0.48 28.39
CA PRO A 115 -8.03 -1.72 29.16
C PRO A 115 -8.23 -2.90 28.24
N PRO A 116 -7.76 -4.09 28.64
CA PRO A 116 -7.94 -5.26 27.77
C PRO A 116 -9.39 -5.55 27.42
N GLY A 117 -10.32 -5.29 28.35
CA GLY A 117 -11.73 -5.46 28.08
C GLY A 117 -12.28 -4.59 26.97
N ALA A 118 -11.51 -3.59 26.52
CA ALA A 118 -11.94 -2.80 25.36
C ALA A 118 -12.01 -3.65 24.11
N ALA A 119 -11.15 -4.67 24.00
CA ALA A 119 -11.23 -5.60 22.88
C ALA A 119 -12.30 -6.63 23.19
N ARG A 120 -13.28 -6.76 22.30
CA ARG A 120 -14.42 -7.61 22.56
C ARG A 120 -14.81 -8.36 21.30
N ASP A 121 -15.45 -9.51 21.50
CA ASP A 121 -16.05 -10.25 20.40
C ASP A 121 -17.56 -10.06 20.48
N LEU A 122 -18.17 -9.72 19.35
CA LEU A 122 -19.60 -9.47 19.25
C LEU A 122 -20.18 -10.41 18.18
N THR A 123 -21.50 -10.43 18.10
CA THR A 123 -22.19 -11.29 17.15
C THR A 123 -23.20 -10.49 16.35
N LEU A 124 -23.41 -10.90 15.10
CA LEU A 124 -24.46 -10.34 14.25
C LEU A 124 -24.69 -11.29 13.08
N GLY A 125 -25.94 -11.64 12.82
CA GLY A 125 -26.29 -12.43 11.65
C GLY A 125 -25.63 -13.78 11.55
N GLY A 126 -25.40 -14.45 12.69
CA GLY A 126 -24.67 -15.70 12.69
C GLY A 126 -23.16 -15.56 12.60
N HIS A 127 -22.63 -14.35 12.66
CA HIS A 127 -21.20 -14.11 12.52
C HIS A 127 -20.61 -13.60 13.83
N VAL A 128 -19.36 -13.97 14.08
CA VAL A 128 -18.57 -13.39 15.16
C VAL A 128 -17.84 -12.18 14.60
N LEU A 129 -17.87 -11.07 15.33
CA LEU A 129 -17.12 -9.90 14.96
C LEU A 129 -16.21 -9.50 16.11
N SER A 130 -15.05 -8.98 15.76
CA SER A 130 -14.09 -8.49 16.75
CA SER A 130 -14.09 -8.49 16.74
C SER A 130 -13.93 -6.99 16.58
N GLY A 131 -13.71 -6.31 17.70
CA GLY A 131 -13.56 -4.88 17.62
C GLY A 131 -13.07 -4.33 18.94
N VAL A 132 -12.87 -3.02 18.95
CA VAL A 132 -12.41 -2.30 20.13
C VAL A 132 -13.45 -1.23 20.45
N ARG A 133 -13.93 -1.22 21.70
CA ARG A 133 -14.76 -0.13 22.19
C ARG A 133 -13.85 1.06 22.48
N LEU A 134 -14.13 2.21 21.85
CA LEU A 134 -13.27 3.37 21.95
C LEU A 134 -13.84 4.38 22.94
N PRO A 135 -12.97 5.04 23.72
CA PRO A 135 -13.45 6.05 24.66
C PRO A 135 -13.88 7.32 23.94
N ASP A 136 -14.84 8.02 24.56
CA ASP A 136 -15.29 9.30 24.01
C ASP A 136 -14.21 10.36 24.13
N ARG A 137 -13.52 10.39 25.26
CA ARG A 137 -12.48 11.38 25.52
C ARG A 137 -11.12 10.71 25.56
N GLY A 138 -10.08 11.51 25.45
CA GLY A 138 -8.72 11.02 25.47
C GLY A 138 -8.20 10.71 24.07
N PRO A 139 -6.93 10.33 23.98
CA PRO A 139 -6.34 9.96 22.69
C PRO A 139 -6.48 8.49 22.33
N GLY A 140 -7.15 7.70 23.17
CA GLY A 140 -7.24 6.27 22.92
C GLY A 140 -7.94 5.94 21.62
N ALA A 141 -9.02 6.66 21.30
CA ALA A 141 -9.74 6.39 20.05
C ALA A 141 -8.84 6.59 18.84
N ALA A 142 -8.11 7.70 18.81
CA ALA A 142 -7.25 7.99 17.66
C ALA A 142 -6.12 6.99 17.55
N ARG A 143 -5.54 6.57 18.67
CA ARG A 143 -4.44 5.61 18.62
C ARG A 143 -4.93 4.24 18.15
N ALA A 144 -6.09 3.80 18.62
CA ALA A 144 -6.61 2.51 18.18
C ALA A 144 -6.89 2.52 16.69
N ARG A 145 -7.52 3.59 16.19
CA ARG A 145 -7.78 3.70 14.77
C ARG A 145 -6.48 3.73 13.97
N ALA A 146 -5.48 4.44 14.48
CA ALA A 146 -4.19 4.47 13.78
C ALA A 146 -3.58 3.08 13.70
N HIS A 147 -3.65 2.31 14.78
CA HIS A 147 -3.06 0.97 14.77
C HIS A 147 -3.72 0.10 13.71
N VAL A 148 -5.06 0.09 13.69
CA VAL A 148 -5.78 -0.69 12.68
C VAL A 148 -5.43 -0.22 11.28
N MET A 149 -5.33 1.10 11.10
CA MET A 149 -5.05 1.66 9.78
C MET A 149 -3.65 1.32 9.31
N HIS A 150 -2.63 1.63 10.12
CA HIS A 150 -1.26 1.46 9.64
C HIS A 150 -0.88 0.00 9.48
N THR A 151 -1.55 -0.92 10.18
CA THR A 151 -1.26 -2.35 10.07
C THR A 151 -2.23 -3.08 9.15
N GLY A 152 -3.19 -2.39 8.53
CA GLY A 152 -4.14 -3.07 7.68
C GLY A 152 -4.96 -4.15 8.37
N GLY A 153 -5.34 -3.92 9.62
CA GLY A 153 -6.09 -4.91 10.38
C GLY A 153 -7.59 -4.70 10.43
N HIS A 154 -8.15 -4.08 9.40
CA HIS A 154 -9.55 -3.70 9.36
C HIS A 154 -10.43 -4.89 8.90
N LEU A 155 -11.73 -4.76 9.17
CA LEU A 155 -12.73 -5.66 8.63
C LEU A 155 -13.01 -5.30 7.17
N SER A 156 -13.03 -6.30 6.29
CA SER A 156 -13.21 -6.03 4.87
C SER A 156 -14.69 -5.84 4.53
N SER A 157 -14.94 -5.15 3.41
CA SER A 157 -16.30 -4.93 2.97
C SER A 157 -16.97 -6.22 2.50
N ARG A 158 -16.20 -7.19 2.01
CA ARG A 158 -16.83 -8.48 1.65
C ARG A 158 -17.29 -9.21 2.90
N GLN A 159 -16.51 -9.16 3.98
CA GLN A 159 -16.97 -9.79 5.21
C GLN A 159 -18.19 -9.06 5.77
N ALA A 160 -18.17 -7.73 5.79
CA ALA A 160 -19.32 -6.99 6.28
C ALA A 160 -20.54 -7.23 5.41
N GLU A 161 -20.35 -7.32 4.09
CA GLU A 161 -21.47 -7.62 3.20
C GLU A 161 -22.08 -8.98 3.51
N ASP A 162 -21.25 -9.98 3.81
CA ASP A 162 -21.80 -11.28 4.15
C ASP A 162 -22.54 -11.24 5.48
N VAL A 163 -22.04 -10.48 6.45
CA VAL A 163 -22.76 -10.34 7.72
C VAL A 163 -24.14 -9.75 7.48
N LEU A 164 -24.21 -8.67 6.71
CA LEU A 164 -25.49 -8.01 6.46
C LEU A 164 -26.40 -8.87 5.62
N TRP A 165 -25.87 -9.55 4.61
CA TRP A 165 -26.74 -10.40 3.80
C TRP A 165 -27.28 -11.57 4.60
N ASP A 166 -26.42 -12.25 5.37
CA ASP A 166 -26.89 -13.38 6.16
C ASP A 166 -27.93 -12.96 7.18
N ALA A 167 -27.84 -11.73 7.69
CA ALA A 167 -28.80 -11.20 8.65
C ALA A 167 -30.08 -10.70 7.99
N GLY A 168 -30.15 -10.70 6.66
CA GLY A 168 -31.32 -10.22 5.97
C GLY A 168 -31.43 -8.71 5.91
N LEU A 169 -30.31 -8.00 6.01
CA LEU A 169 -30.32 -6.55 6.14
C LEU A 169 -29.97 -5.83 4.84
N ILE A 170 -29.48 -6.54 3.84
CA ILE A 170 -29.32 -6.02 2.48
C ILE A 170 -29.96 -7.01 1.52
N ASP A 171 -30.39 -6.50 0.37
CA ASP A 171 -31.12 -7.34 -0.59
C ASP A 171 -30.20 -8.33 -1.28
N GLY A 172 -29.00 -7.89 -1.64
CA GLY A 172 -28.16 -8.69 -2.51
C GLY A 172 -26.70 -8.37 -2.31
N ARG A 173 -25.85 -9.18 -2.94
CA ARG A 173 -24.41 -9.05 -2.87
CA ARG A 173 -24.41 -9.01 -2.86
C ARG A 173 -23.86 -8.64 -4.23
N GLN A 174 -22.72 -7.96 -4.21
CA GLN A 174 -22.06 -7.57 -5.45
C GLN A 174 -21.66 -8.80 -6.25
N VAL A 175 -22.08 -8.85 -7.51
CA VAL A 175 -21.68 -9.94 -8.39
C VAL A 175 -20.28 -9.64 -8.93
N GLU A 176 -19.42 -10.66 -8.95
CA GLU A 176 -18.04 -10.48 -9.36
C GLU A 176 -17.43 -11.85 -9.63
N GLU A 177 -16.38 -11.86 -10.43
CA GLU A 177 -15.67 -13.11 -10.73
C GLU A 177 -14.77 -13.48 -9.55
N THR A 178 -14.89 -14.71 -9.07
CA THR A 178 -14.00 -15.22 -8.05
C THR A 178 -13.57 -16.63 -8.43
N ALA A 179 -12.49 -17.09 -7.82
CA ALA A 179 -12.00 -18.45 -7.98
C ALA A 179 -11.99 -19.09 -6.60
N ASP A 180 -13.09 -19.75 -6.25
CA ASP A 180 -13.35 -20.17 -4.87
C ASP A 180 -12.69 -21.50 -4.49
N ASP A 181 -12.10 -22.23 -5.43
CA ASP A 181 -11.50 -23.53 -5.10
C ASP A 181 -10.11 -23.31 -4.54
N SER A 182 -9.95 -23.57 -3.23
CA SER A 182 -8.68 -23.41 -2.52
C SER A 182 -7.94 -22.13 -2.91
N PRO A 183 -8.55 -20.96 -2.70
CA PRO A 183 -7.96 -19.73 -3.26
C PRO A 183 -6.66 -19.31 -2.62
N ALA A 184 -6.46 -19.55 -1.32
CA ALA A 184 -5.20 -19.16 -0.70
C ALA A 184 -4.04 -19.97 -1.26
N ARG A 185 -4.24 -21.27 -1.46
CA ARG A 185 -3.21 -22.07 -2.11
C ARG A 185 -2.94 -21.59 -3.53
N ALA A 186 -4.01 -21.26 -4.28
CA ALA A 186 -3.85 -20.78 -5.65
C ALA A 186 -3.03 -19.49 -5.69
N VAL A 187 -3.36 -18.53 -4.83
CA VAL A 187 -2.63 -17.26 -4.81
C VAL A 187 -1.19 -17.49 -4.39
N ALA A 188 -0.98 -18.27 -3.34
CA ALA A 188 0.37 -18.53 -2.85
C ALA A 188 1.21 -19.26 -3.91
N GLN A 189 0.61 -20.18 -4.66
CA GLN A 189 1.35 -20.85 -5.71
CA GLN A 189 1.34 -20.86 -5.72
C GLN A 189 1.70 -19.89 -6.85
N ALA A 190 0.76 -19.03 -7.22
CA ALA A 190 1.06 -18.06 -8.27
C ALA A 190 2.20 -17.15 -7.86
N LEU A 191 2.19 -16.70 -6.59
CA LEU A 191 3.26 -15.83 -6.13
C LEU A 191 4.57 -16.57 -5.96
N ALA A 192 4.53 -17.84 -5.53
CA ALA A 192 5.77 -18.62 -5.45
C ALA A 192 6.45 -18.70 -6.81
N GLY A 193 5.67 -18.94 -7.86
CA GLY A 193 6.26 -18.96 -9.20
C GLY A 193 6.77 -17.59 -9.63
N ALA A 194 6.03 -16.53 -9.31
CA ALA A 194 6.43 -15.19 -9.73
C ALA A 194 7.73 -14.76 -9.04
N TYR A 195 7.89 -15.10 -7.77
CA TYR A 195 9.07 -14.71 -6.99
C TYR A 195 10.19 -15.72 -7.08
N GLY A 196 9.93 -16.90 -7.61
CA GLY A 196 10.97 -17.91 -7.72
C GLY A 196 11.34 -18.54 -6.40
N VAL A 197 10.35 -18.88 -5.58
CA VAL A 197 10.60 -19.63 -4.34
C VAL A 197 9.99 -21.02 -4.51
N PRO A 198 10.44 -22.03 -3.76
CA PRO A 198 10.09 -23.41 -4.09
C PRO A 198 8.60 -23.73 -4.08
N GLY A 199 7.80 -23.01 -3.30
CA GLY A 199 6.38 -23.31 -3.21
C GLY A 199 5.66 -22.46 -2.19
N PRO A 200 4.37 -22.75 -2.00
CA PRO A 200 3.53 -21.91 -1.12
C PRO A 200 3.97 -21.88 0.33
N ARG A 201 4.80 -22.82 0.78
CA ARG A 201 5.23 -22.76 2.17
CA ARG A 201 5.29 -22.79 2.15
C ARG A 201 6.04 -21.50 2.45
N TYR A 202 6.62 -20.88 1.43
CA TYR A 202 7.41 -19.66 1.61
C TYR A 202 6.61 -18.38 1.41
N VAL A 203 5.30 -18.48 1.22
CA VAL A 203 4.45 -17.32 0.94
C VAL A 203 3.35 -17.30 1.97
N ALA A 204 3.22 -16.20 2.69
CA ALA A 204 2.15 -16.00 3.66
C ALA A 204 1.24 -14.88 3.15
N LEU A 205 -0.05 -15.12 3.16
CA LEU A 205 -1.02 -14.10 2.75
C LEU A 205 -1.53 -13.35 3.96
N ARG A 206 -1.63 -12.02 3.82
CA ARG A 206 -2.06 -11.18 4.92
C ARG A 206 -3.18 -10.24 4.45
N ASN A 207 -3.76 -9.51 5.40
CA ASN A 207 -5.05 -8.84 5.18
C ASN A 207 -4.97 -7.67 4.20
N SER A 208 -3.78 -7.10 4.03
CA SER A 208 -3.51 -6.02 3.08
C SER A 208 -2.00 -5.93 2.96
N GLY A 209 -1.54 -5.07 2.05
CA GLY A 209 -0.10 -4.85 1.94
C GLY A 209 0.52 -4.44 3.27
N MET A 210 -0.12 -3.50 3.97
CA MET A 210 0.41 -3.07 5.25
C MET A 210 0.38 -4.17 6.30
N ASN A 211 -0.62 -5.05 6.25
CA ASN A 211 -0.63 -6.17 7.17
C ASN A 211 0.54 -7.09 6.90
N ALA A 212 0.92 -7.26 5.63
CA ALA A 212 2.11 -8.03 5.31
C ALA A 212 3.39 -7.35 5.79
N VAL A 213 3.52 -6.05 5.53
CA VAL A 213 4.70 -5.31 5.99
C VAL A 213 4.82 -5.38 7.50
N ALA A 214 3.73 -5.10 8.21
CA ALA A 214 3.77 -5.14 9.67
C ALA A 214 4.12 -6.53 10.17
N ALA A 215 3.53 -7.56 9.56
CA ALA A 215 3.84 -8.92 9.99
C ALA A 215 5.31 -9.26 9.77
N ALA A 216 5.87 -8.85 8.63
CA ALA A 216 7.29 -9.11 8.36
C ALA A 216 8.18 -8.38 9.36
N VAL A 217 7.88 -7.11 9.62
CA VAL A 217 8.69 -6.34 10.56
C VAL A 217 8.60 -6.92 11.96
N GLU A 218 7.38 -7.29 12.40
CA GLU A 218 7.22 -7.86 13.73
CA GLU A 218 7.21 -7.86 13.73
C GLU A 218 7.92 -9.20 13.84
N ALA A 219 7.86 -10.02 12.79
CA ALA A 219 8.50 -11.33 12.82
C ALA A 219 10.01 -11.19 12.92
N VAL A 220 10.59 -10.32 12.08
CA VAL A 220 12.04 -10.10 12.16
C VAL A 220 12.42 -9.56 13.53
N THR A 221 11.64 -8.62 14.03
CA THR A 221 11.92 -8.03 15.34
C THR A 221 11.92 -9.09 16.44
N GLU A 222 10.95 -10.01 16.39
CA GLU A 222 10.88 -11.06 17.40
C GLU A 222 12.09 -11.99 17.32
N ILE A 223 12.46 -12.41 16.11
CA ILE A 223 13.60 -13.32 15.95
C ILE A 223 14.89 -12.65 16.42
N GLN A 224 15.01 -11.35 16.22
CA GLN A 224 16.25 -10.63 16.52
C GLN A 224 16.35 -10.17 17.97
N ARG A 225 15.25 -10.22 18.73
CA ARG A 225 15.24 -9.65 20.07
C ARG A 225 16.25 -10.33 20.98
N ASP A 226 16.38 -11.66 20.88
CA ASP A 226 17.23 -12.40 21.82
C ASP A 226 18.69 -11.98 21.73
N SER A 227 19.13 -11.49 20.58
CA SER A 227 20.51 -11.08 20.39
C SER A 227 20.74 -9.61 20.69
N GLY A 228 19.76 -8.91 21.26
CA GLY A 228 19.91 -7.50 21.55
C GLY A 228 19.74 -6.58 20.36
N ARG A 229 19.21 -7.09 19.24
CA ARG A 229 19.01 -6.29 18.05
C ARG A 229 17.56 -5.79 18.04
N ARG A 230 17.39 -4.50 18.30
CA ARG A 230 16.08 -3.90 18.42
C ARG A 230 15.93 -2.61 17.62
N HIS A 231 16.83 -2.34 16.69
CA HIS A 231 16.81 -1.09 15.93
C HIS A 231 16.62 -1.37 14.45
N TRP A 232 15.88 -0.51 13.77
CA TRP A 232 15.63 -0.64 12.35
C TRP A 232 16.16 0.58 11.60
N LEU A 233 16.64 0.34 10.38
CA LEU A 233 17.04 1.40 9.46
C LEU A 233 16.00 1.45 8.36
N GLN A 234 15.40 2.63 8.14
CA GLN A 234 14.47 2.85 7.05
C GLN A 234 15.22 3.54 5.93
N LEU A 235 15.23 2.93 4.75
CA LEU A 235 16.04 3.44 3.65
C LEU A 235 15.22 4.37 2.76
N GLY A 236 15.50 5.67 2.84
CA GLY A 236 14.77 6.65 2.08
C GLY A 236 13.39 6.94 2.67
N TRP A 237 12.67 7.81 1.97
CA TRP A 237 11.28 8.09 2.27
C TRP A 237 10.46 7.05 1.53
N ILE A 238 9.65 6.28 2.27
CA ILE A 238 8.93 5.15 1.72
C ILE A 238 7.45 5.33 2.03
N PHE A 239 6.63 4.31 1.77
CA PHE A 239 5.19 4.51 1.87
C PHE A 239 4.81 5.00 3.25
N PHE A 240 3.90 5.98 3.31
CA PHE A 240 3.68 6.70 4.56
C PHE A 240 3.22 5.79 5.70
N ASP A 241 2.36 4.82 5.43
CA ASP A 241 1.93 3.94 6.52
C ASP A 241 3.08 3.11 7.07
N THR A 242 4.02 2.71 6.20
CA THR A 242 5.19 2.00 6.69
C THR A 242 6.04 2.90 7.57
N MET A 243 6.20 4.17 7.18
CA MET A 243 6.93 5.12 8.01
C MET A 243 6.22 5.33 9.35
N HIS A 244 4.88 5.39 9.33
CA HIS A 244 4.14 5.57 10.57
C HIS A 244 4.29 4.39 11.51
N LEU A 245 4.44 3.16 10.98
CA LEU A 245 4.65 1.99 11.85
C LEU A 245 5.81 2.23 12.79
N PHE A 246 6.89 2.82 12.28
CA PHE A 246 8.08 3.08 13.09
C PHE A 246 7.95 4.38 13.88
N GLU A 247 7.54 5.46 13.21
CA GLU A 247 7.50 6.77 13.86
C GLU A 247 6.52 6.78 15.03
N LYS A 248 5.38 6.10 14.87
CA LYS A 248 4.36 6.06 15.91
C LYS A 248 4.53 4.89 16.87
N LYS A 249 5.59 4.09 16.69
CA LYS A 249 5.87 2.95 17.57
C LYS A 249 4.77 1.89 17.53
N VAL A 250 4.05 1.81 16.41
CA VAL A 250 3.12 0.69 16.23
C VAL A 250 3.88 -0.63 16.35
N VAL A 251 5.04 -0.71 15.71
CA VAL A 251 6.05 -1.70 16.06
C VAL A 251 6.98 -1.03 17.06
N ASN A 252 7.14 -1.65 18.23
CA ASN A 252 7.89 -1.04 19.33
C ASN A 252 9.37 -1.30 19.15
N VAL A 253 9.98 -0.54 18.25
CA VAL A 253 11.41 -0.61 17.97
C VAL A 253 11.96 0.81 17.89
N GLY A 254 13.27 0.93 18.04
CA GLY A 254 13.95 2.13 17.64
C GLY A 254 14.18 2.13 16.14
N HIS A 255 14.32 3.32 15.57
CA HIS A 255 14.54 3.38 14.13
C HIS A 255 15.28 4.64 13.74
N THR A 256 15.99 4.56 12.62
CA THR A 256 16.68 5.69 12.02
C THR A 256 16.35 5.70 10.53
N THR A 257 15.95 6.85 10.03
CA THR A 257 15.70 7.01 8.61
C THR A 257 16.96 7.56 7.96
N VAL A 258 17.43 6.90 6.90
CA VAL A 258 18.49 7.42 6.04
C VAL A 258 17.79 8.07 4.85
N PRO A 259 17.74 9.40 4.78
CA PRO A 259 16.81 10.03 3.82
C PRO A 259 17.16 9.79 2.37
N ASP A 260 18.44 9.63 2.04
CA ASP A 260 18.85 9.42 0.66
C ASP A 260 19.00 7.94 0.41
N PRO A 261 18.08 7.30 -0.32
CA PRO A 261 18.21 5.84 -0.54
C PRO A 261 19.36 5.45 -1.43
N PHE A 262 20.03 6.41 -2.07
CA PHE A 262 21.19 6.12 -2.89
C PHE A 262 22.51 6.25 -2.14
N ASP A 263 22.47 6.81 -0.93
CA ASP A 263 23.67 7.16 -0.18
C ASP A 263 24.12 5.94 0.62
N LEU A 264 24.84 5.04 -0.06
CA LEU A 264 25.26 3.81 0.58
C LEU A 264 26.34 4.07 1.63
N ALA A 265 27.16 5.10 1.45
CA ALA A 265 28.15 5.43 2.46
C ALA A 265 27.47 5.83 3.77
N GLU A 266 26.39 6.60 3.68
CA GLU A 266 25.65 6.98 4.88
C GLU A 266 24.93 5.79 5.49
N VAL A 267 24.38 4.89 4.67
CA VAL A 267 23.78 3.67 5.20
C VAL A 267 24.80 2.91 6.03
N ALA A 268 26.03 2.77 5.51
CA ALA A 268 27.05 2.03 6.23
C ALA A 268 27.46 2.76 7.50
N ARG A 269 27.49 4.09 7.47
CA ARG A 269 27.83 4.85 8.67
C ARG A 269 26.79 4.65 9.76
N VAL A 270 25.51 4.71 9.40
CA VAL A 270 24.46 4.51 10.39
C VAL A 270 24.48 3.06 10.90
N ALA A 271 24.69 2.11 10.02
CA ALA A 271 24.82 0.72 10.46
C ALA A 271 25.97 0.52 11.43
N ALA A 272 27.12 1.17 11.16
CA ALA A 272 28.26 1.05 12.07
C ALA A 272 27.95 1.64 13.43
N ALA A 273 27.18 2.74 13.46
CA ALA A 273 26.79 3.34 14.73
C ALA A 273 25.93 2.40 15.56
N HIS A 274 25.19 1.51 14.91
CA HIS A 274 24.34 0.54 15.57
C HIS A 274 24.86 -0.90 15.42
N ALA A 275 26.18 -1.06 15.36
CA ALA A 275 26.77 -2.37 15.07
C ALA A 275 26.42 -3.37 16.16
N GLY A 276 25.94 -4.54 15.73
CA GLY A 276 25.43 -5.54 16.64
C GLY A 276 24.05 -5.27 17.17
N GLY A 277 23.44 -4.14 16.79
CA GLY A 277 22.15 -3.75 17.34
C GLY A 277 21.03 -3.61 16.33
N LEU A 278 21.32 -3.82 15.04
CA LEU A 278 20.34 -3.67 13.99
C LEU A 278 19.52 -4.94 13.84
N ALA A 279 18.20 -4.82 13.98
CA ALA A 279 17.34 -5.96 13.68
C ALA A 279 17.13 -6.10 12.18
N GLY A 280 16.95 -4.99 11.47
CA GLY A 280 16.61 -5.06 10.07
C GLY A 280 16.76 -3.73 9.37
N ILE A 281 16.81 -3.82 8.04
CA ILE A 281 16.70 -2.67 7.15
C ILE A 281 15.45 -2.89 6.30
N ILE A 282 14.65 -1.84 6.14
CA ILE A 282 13.48 -1.90 5.29
C ILE A 282 13.65 -0.95 4.12
N ALA A 283 13.33 -1.42 2.92
CA ALA A 283 13.50 -0.65 1.70
C ALA A 283 12.37 -0.98 0.75
N GLU A 284 12.14 -0.08 -0.21
CA GLU A 284 11.13 -0.25 -1.25
C GLU A 284 11.79 -0.20 -2.62
N ILE A 285 11.21 -0.90 -3.58
CA ILE A 285 11.73 -0.82 -4.95
C ILE A 285 10.62 -0.74 -5.99
N PRO A 286 10.48 0.39 -6.72
CA PRO A 286 10.93 1.74 -6.35
C PRO A 286 10.12 2.20 -5.14
N SER A 287 10.46 3.36 -4.57
CA SER A 287 9.82 3.86 -3.38
CA SER A 287 9.81 3.85 -3.37
C SER A 287 8.55 4.65 -3.70
N ASN A 288 7.63 4.68 -2.73
CA ASN A 288 6.35 5.37 -2.89
C ASN A 288 6.40 6.67 -2.11
N PRO A 289 6.26 7.85 -2.74
CA PRO A 289 5.97 8.02 -4.17
C PRO A 289 7.16 8.55 -4.95
N GLY A 290 8.32 8.69 -4.30
CA GLY A 290 9.46 9.33 -4.94
C GLY A 290 10.10 8.53 -6.04
N MET A 291 9.83 7.22 -6.09
CA MET A 291 10.28 6.32 -7.15
C MET A 291 11.79 6.08 -7.16
N GLY A 292 12.46 6.25 -6.02
CA GLY A 292 13.88 5.94 -5.94
C GLY A 292 14.10 4.43 -5.86
N VAL A 293 15.11 3.95 -6.57
CA VAL A 293 15.44 2.54 -6.61
C VAL A 293 16.76 2.35 -5.86
N PRO A 294 16.76 1.66 -4.73
CA PRO A 294 18.01 1.42 -4.00
C PRO A 294 18.82 0.29 -4.64
N ASP A 295 20.07 0.19 -4.20
CA ASP A 295 21.05 -0.79 -4.70
C ASP A 295 20.94 -2.02 -3.82
N LEU A 296 20.11 -2.98 -4.25
CA LEU A 296 19.79 -4.12 -3.41
C LEU A 296 20.98 -5.06 -3.20
N PRO A 297 21.81 -5.33 -4.21
CA PRO A 297 23.02 -6.13 -3.94
C PRO A 297 23.94 -5.50 -2.92
N ALA A 298 24.11 -4.17 -2.95
CA ALA A 298 24.92 -3.50 -1.94
C ALA A 298 24.27 -3.56 -0.58
N LEU A 299 22.94 -3.42 -0.52
CA LEU A 299 22.25 -3.49 0.75
C LEU A 299 22.35 -4.88 1.36
N ARG A 300 22.36 -5.91 0.53
CA ARG A 300 22.53 -7.27 1.02
C ARG A 300 23.88 -7.45 1.71
N GLU A 301 24.93 -6.89 1.12
CA GLU A 301 26.25 -7.01 1.74
C GLU A 301 26.30 -6.21 3.05
N ILE A 302 25.68 -5.04 3.08
CA ILE A 302 25.59 -4.28 4.33
C ILE A 302 24.81 -5.08 5.38
N ALA A 303 23.67 -5.65 4.99
CA ALA A 303 22.88 -6.41 5.95
C ALA A 303 23.64 -7.62 6.47
N ASP A 304 24.36 -8.31 5.58
CA ASP A 304 25.16 -9.46 6.01
C ASP A 304 26.18 -9.05 7.06
N ARG A 305 26.88 -7.95 6.81
CA ARG A 305 27.89 -7.46 7.76
C ARG A 305 27.26 -7.02 9.07
N ALA A 306 26.05 -6.44 9.02
CA ALA A 306 25.35 -6.01 10.21
C ALA A 306 24.68 -7.16 10.96
N GLY A 307 24.54 -8.32 10.34
CA GLY A 307 23.78 -9.38 10.97
C GLY A 307 22.30 -9.13 11.02
N CYS A 308 21.78 -8.29 10.14
CA CYS A 308 20.38 -7.91 10.17
C CYS A 308 19.67 -8.45 8.93
N ALA A 309 18.34 -8.46 8.99
CA ALA A 309 17.53 -8.88 7.86
C ALA A 309 17.28 -7.69 6.94
N LEU A 310 17.10 -7.99 5.67
CA LEU A 310 16.73 -6.97 4.68
C LEU A 310 15.31 -7.29 4.22
N VAL A 311 14.39 -6.38 4.50
CA VAL A 311 12.99 -6.51 4.10
C VAL A 311 12.77 -5.55 2.94
N VAL A 312 12.25 -6.05 1.82
CA VAL A 312 12.06 -5.26 0.61
C VAL A 312 10.59 -5.32 0.22
N ASP A 313 10.00 -4.14 0.02
CA ASP A 313 8.62 -4.03 -0.49
C ASP A 313 8.73 -3.74 -1.97
N ALA A 314 8.40 -4.74 -2.80
CA ALA A 314 8.57 -4.65 -4.25
C ALA A 314 7.25 -4.40 -4.97
N THR A 315 6.24 -3.89 -4.26
CA THR A 315 4.93 -3.64 -4.84
C THR A 315 5.00 -2.87 -6.15
N ILE A 316 5.78 -1.78 -6.16
CA ILE A 316 5.71 -0.88 -7.32
C ILE A 316 6.42 -1.47 -8.54
N ALA A 317 7.46 -2.29 -8.33
CA ALA A 317 8.13 -2.93 -9.45
C ALA A 317 7.37 -4.15 -9.95
N THR A 318 6.80 -4.94 -9.02
CA THR A 318 6.19 -6.26 -9.22
C THR A 318 7.24 -7.34 -9.41
N PRO A 319 6.96 -8.57 -8.96
CA PRO A 319 7.89 -9.68 -9.19
C PRO A 319 8.01 -10.07 -10.64
N HIS A 320 7.14 -9.58 -11.52
CA HIS A 320 7.29 -9.84 -12.94
C HIS A 320 8.33 -8.96 -13.60
N ASN A 321 8.81 -7.93 -12.91
CA ASN A 321 9.83 -7.04 -13.43
C ASN A 321 11.18 -7.15 -12.74
N VAL A 322 11.22 -7.51 -11.46
CA VAL A 322 12.47 -7.60 -10.72
C VAL A 322 12.55 -8.94 -10.01
N ASP A 323 13.78 -9.38 -9.76
CA ASP A 323 14.08 -10.63 -9.06
C ASP A 323 14.85 -10.26 -7.80
N VAL A 324 14.13 -10.03 -6.70
CA VAL A 324 14.77 -9.49 -5.49
C VAL A 324 14.92 -10.49 -4.36
N VAL A 325 14.25 -11.64 -4.42
CA VAL A 325 14.45 -12.71 -3.43
C VAL A 325 15.93 -13.05 -3.23
N PRO A 326 16.77 -13.10 -4.26
CA PRO A 326 18.20 -13.41 -4.03
C PRO A 326 18.91 -12.42 -3.13
N TYR A 327 18.39 -11.20 -2.98
CA TYR A 327 19.02 -10.17 -2.17
C TYR A 327 18.29 -9.87 -0.88
N ALA A 328 17.01 -10.19 -0.77
CA ALA A 328 16.22 -9.90 0.41
C ALA A 328 16.14 -11.14 1.30
N ASP A 329 15.92 -10.89 2.59
CA ASP A 329 15.51 -11.98 3.46
C ASP A 329 14.00 -12.19 3.44
N VAL A 330 13.25 -11.10 3.30
CA VAL A 330 11.79 -11.12 3.23
C VAL A 330 11.37 -10.08 2.19
N VAL A 331 10.40 -10.45 1.35
CA VAL A 331 9.82 -9.52 0.39
C VAL A 331 8.33 -9.38 0.71
N CYS A 332 7.83 -8.14 0.66
CA CYS A 332 6.41 -7.87 0.88
C CYS A 332 5.80 -7.28 -0.38
N GLU A 333 4.51 -7.53 -0.57
CA GLU A 333 3.79 -6.97 -1.72
C GLU A 333 2.36 -6.66 -1.31
N SER A 334 1.88 -5.48 -1.73
CA SER A 334 0.45 -5.19 -1.67
C SER A 334 -0.22 -5.75 -2.91
N LEU A 335 -0.98 -6.85 -2.74
CA LEU A 335 -1.71 -7.46 -3.85
C LEU A 335 -2.92 -6.63 -4.27
N THR A 336 -3.26 -5.60 -3.48
CA THR A 336 -4.31 -4.63 -3.82
C THR A 336 -4.04 -3.96 -5.16
N LYS A 337 -2.77 -3.88 -5.55
CA LYS A 337 -2.34 -3.10 -6.71
C LYS A 337 -2.30 -3.98 -7.95
N TYR A 338 -1.19 -4.00 -8.69
CA TYR A 338 -1.20 -4.63 -10.01
C TYR A 338 -1.41 -6.14 -9.97
N ALA A 339 -1.12 -6.81 -8.85
CA ALA A 339 -1.36 -8.25 -8.79
C ALA A 339 -2.81 -8.60 -9.11
N THR A 340 -3.74 -7.73 -8.75
CA THR A 340 -5.14 -7.95 -9.09
C THR A 340 -5.62 -7.06 -10.24
N GLY A 341 -5.17 -5.80 -10.29
CA GLY A 341 -5.58 -4.94 -11.38
C GLY A 341 -7.03 -4.56 -11.37
N SER A 342 -7.77 -4.82 -10.28
CA SER A 342 -9.21 -4.59 -10.26
C SER A 342 -9.62 -3.45 -9.35
N ALA A 343 -8.71 -2.92 -8.53
CA ALA A 343 -9.04 -1.83 -7.60
C ALA A 343 -10.27 -2.15 -6.76
N ASP A 344 -10.36 -3.40 -6.32
CA ASP A 344 -11.53 -3.81 -5.55
C ASP A 344 -11.25 -4.88 -4.50
N VAL A 345 -10.00 -5.14 -4.15
CA VAL A 345 -9.70 -6.10 -3.08
C VAL A 345 -8.37 -5.73 -2.46
N LEU A 346 -8.31 -5.79 -1.13
CA LEU A 346 -7.06 -5.63 -0.41
C LEU A 346 -6.52 -6.99 0.01
N ALA A 347 -5.21 -7.17 -0.16
CA ALA A 347 -4.50 -8.34 0.35
C ALA A 347 -3.01 -8.04 0.25
N GLY A 348 -2.24 -8.75 1.09
CA GLY A 348 -0.81 -8.62 1.07
C GLY A 348 -0.15 -9.99 1.05
N ALA A 349 1.14 -9.99 0.69
CA ALA A 349 1.94 -11.21 0.69
C ALA A 349 3.28 -10.95 1.36
N VAL A 350 3.72 -11.93 2.15
CA VAL A 350 5.06 -12.00 2.70
C VAL A 350 5.74 -13.19 2.06
N VAL A 351 6.91 -12.97 1.47
CA VAL A 351 7.66 -14.02 0.79
C VAL A 351 8.97 -14.17 1.53
N VAL A 352 9.21 -15.37 2.05
CA VAL A 352 10.43 -15.66 2.79
C VAL A 352 11.47 -16.24 1.83
N ALA A 353 12.66 -15.68 1.84
CA ALA A 353 13.73 -16.16 0.97
C ALA A 353 14.24 -17.50 1.49
N PRO A 354 14.21 -18.56 0.69
CA PRO A 354 14.61 -19.89 1.20
C PRO A 354 16.04 -19.96 1.66
N GLY A 355 16.93 -19.16 1.08
CA GLY A 355 18.33 -19.15 1.45
C GLY A 355 18.69 -18.21 2.59
N SER A 356 17.72 -17.50 3.15
CA SER A 356 18.00 -16.60 4.24
C SER A 356 18.37 -17.39 5.49
N PRO A 357 19.37 -16.93 6.26
CA PRO A 357 19.61 -17.55 7.58
C PRO A 357 18.43 -17.42 8.51
N PHE A 358 17.55 -16.45 8.29
CA PHE A 358 16.36 -16.25 9.08
C PHE A 358 15.18 -17.09 8.62
N ALA A 359 15.31 -17.85 7.52
CA ALA A 359 14.15 -18.48 6.89
C ALA A 359 13.41 -19.41 7.84
N ALA A 360 14.14 -20.30 8.51
CA ALA A 360 13.47 -21.26 9.38
C ALA A 360 12.74 -20.55 10.52
N ASP A 361 13.40 -19.59 11.16
CA ASP A 361 12.76 -18.88 12.26
C ASP A 361 11.58 -18.05 11.77
N LEU A 362 11.69 -17.47 10.58
CA LEU A 362 10.60 -16.68 10.02
C LEU A 362 9.35 -17.52 9.80
N LEU A 363 9.51 -18.72 9.22
CA LEU A 363 8.36 -19.58 8.97
C LEU A 363 7.74 -20.06 10.27
N THR A 364 8.54 -20.16 11.34
CA THR A 364 8.02 -20.55 12.65
C THR A 364 7.25 -19.41 13.29
N VAL A 365 7.76 -18.18 13.13
CA VAL A 365 7.26 -17.03 13.87
C VAL A 365 6.17 -16.27 13.12
N LEU A 366 6.23 -16.23 11.79
CA LEU A 366 5.27 -15.46 11.00
C LEU A 366 3.80 -15.74 11.31
N PRO A 367 3.37 -16.98 11.57
CA PRO A 367 1.94 -17.20 11.86
C PRO A 367 1.42 -16.44 13.07
N ARG A 368 2.31 -15.97 13.95
CA ARG A 368 1.88 -15.21 15.11
C ARG A 368 1.52 -13.75 14.80
N TYR A 369 1.82 -13.27 13.60
CA TYR A 369 1.67 -11.85 13.29
C TYR A 369 0.78 -11.64 12.07
N GLY A 370 -0.18 -10.73 12.21
CA GLY A 370 -1.07 -10.39 11.12
C GLY A 370 -2.17 -11.42 10.96
N ASP A 371 -2.98 -11.22 9.93
CA ASP A 371 -4.14 -12.05 9.69
C ASP A 371 -4.24 -12.35 8.21
N GLU A 372 -4.58 -13.60 7.89
CA GLU A 372 -4.93 -13.93 6.53
C GLU A 372 -6.18 -13.13 6.14
N PRO A 373 -6.35 -12.79 4.87
CA PRO A 373 -7.58 -12.11 4.46
C PRO A 373 -8.78 -13.02 4.64
N TYR A 374 -9.94 -12.39 4.77
CA TYR A 374 -11.20 -13.11 4.65
C TYR A 374 -11.18 -13.91 3.35
N ARG A 375 -11.69 -15.15 3.41
CA ARG A 375 -11.47 -16.05 2.28
C ARG A 375 -12.15 -15.55 0.99
N ARG A 376 -13.28 -14.85 1.09
CA ARG A 376 -13.89 -14.32 -0.13
C ARG A 376 -13.02 -13.25 -0.79
N ASP A 377 -12.31 -12.45 0.01
CA ASP A 377 -11.32 -11.55 -0.57
C ASP A 377 -10.22 -12.34 -1.26
N THR A 378 -9.73 -13.40 -0.63
CA THR A 378 -8.69 -14.21 -1.25
C THR A 378 -9.18 -14.83 -2.55
N ALA A 379 -10.45 -15.24 -2.61
CA ALA A 379 -11.02 -15.80 -3.83
C ALA A 379 -11.09 -14.78 -4.95
N ARG A 380 -11.33 -13.50 -4.62
CA ARG A 380 -11.25 -12.47 -5.64
C ARG A 380 -9.82 -12.31 -6.14
N VAL A 381 -8.85 -12.31 -5.21
CA VAL A 381 -7.44 -12.25 -5.61
C VAL A 381 -7.10 -13.43 -6.51
N ALA A 382 -7.60 -14.62 -6.18
CA ALA A 382 -7.26 -15.80 -6.96
C ALA A 382 -7.73 -15.66 -8.41
N ALA A 383 -8.92 -15.10 -8.62
CA ALA A 383 -9.39 -14.90 -9.99
C ALA A 383 -8.53 -13.86 -10.70
N ARG A 384 -8.25 -12.73 -10.03
CA ARG A 384 -7.61 -11.60 -10.66
C ARG A 384 -6.12 -11.82 -10.89
N ILE A 385 -5.46 -12.62 -10.04
CA ILE A 385 -4.02 -12.80 -10.18
C ILE A 385 -3.66 -13.63 -11.40
N ARG A 386 -4.61 -14.36 -11.99
CA ARG A 386 -4.31 -15.18 -13.15
C ARG A 386 -3.71 -14.36 -14.28
N GLY A 387 -4.13 -13.10 -14.42
CA GLY A 387 -3.64 -12.31 -15.53
C GLY A 387 -2.47 -11.40 -15.20
N TYR A 388 -1.76 -11.65 -14.09
CA TYR A 388 -0.75 -10.72 -13.60
C TYR A 388 0.36 -10.50 -14.61
N ALA A 389 0.97 -11.58 -15.10
CA ALA A 389 2.10 -11.42 -16.01
C ALA A 389 1.69 -10.72 -17.29
N GLU A 390 0.55 -11.13 -17.87
CA GLU A 390 0.10 -10.52 -19.11
C GLU A 390 -0.21 -9.04 -18.91
N ARG A 391 -0.84 -8.72 -17.78
CA ARG A 391 -1.12 -7.33 -17.42
C ARG A 391 0.17 -6.50 -17.41
N MET A 392 1.23 -7.04 -16.79
CA MET A 392 2.44 -6.25 -16.65
C MET A 392 3.14 -6.01 -17.99
N VAL A 393 3.03 -6.94 -18.94
CA VAL A 393 3.57 -6.69 -20.27
C VAL A 393 2.98 -5.41 -20.84
N ARG A 394 1.65 -5.27 -20.76
CA ARG A 394 0.99 -4.10 -21.33
C ARG A 394 1.27 -2.84 -20.49
N VAL A 395 1.23 -2.98 -19.17
CA VAL A 395 1.52 -1.85 -18.28
C VAL A 395 2.93 -1.31 -18.56
N ASN A 396 3.91 -2.22 -18.66
CA ASN A 396 5.29 -1.78 -18.89
C ASN A 396 5.40 -0.96 -20.17
N ALA A 397 4.80 -1.45 -21.26
CA ALA A 397 4.88 -0.75 -22.53
C ALA A 397 4.23 0.62 -22.44
N ASN A 398 3.13 0.72 -21.69
CA ASN A 398 2.45 2.00 -21.57
C ASN A 398 3.25 2.99 -20.74
N ALA A 399 3.92 2.52 -19.69
CA ALA A 399 4.74 3.42 -18.90
C ALA A 399 5.90 3.95 -19.73
N LEU A 400 6.52 3.09 -20.54
CA LEU A 400 7.60 3.55 -21.40
C LEU A 400 7.11 4.60 -22.38
N ALA A 401 5.94 4.36 -22.99
CA ALA A 401 5.40 5.31 -23.95
C ALA A 401 5.07 6.64 -23.28
N LEU A 402 4.45 6.59 -22.11
CA LEU A 402 4.08 7.84 -21.45
C LEU A 402 5.31 8.61 -20.97
N ALA A 403 6.34 7.90 -20.50
CA ALA A 403 7.55 8.58 -20.06
C ALA A 403 8.16 9.40 -21.19
N GLU A 404 8.16 8.87 -22.41
CA GLU A 404 8.70 9.62 -23.53
C GLU A 404 7.82 10.83 -23.86
N CYS A 405 6.51 10.66 -23.77
CA CYS A 405 5.57 11.78 -23.91
C CYS A 405 5.88 12.88 -22.91
N LEU A 406 6.07 12.52 -21.64
CA LEU A 406 6.26 13.55 -20.61
C LEU A 406 7.53 14.33 -20.86
N ARG A 407 8.57 13.66 -21.35
CA ARG A 407 9.83 14.33 -21.65
C ARG A 407 9.66 15.40 -22.72
N ARG A 408 8.70 15.19 -23.63
CA ARG A 408 8.43 16.10 -24.73
C ARG A 408 7.58 17.31 -24.34
N HIS A 409 7.26 17.49 -23.06
CA HIS A 409 6.52 18.65 -22.58
C HIS A 409 7.31 19.42 -21.52
N PRO A 410 8.50 19.91 -21.86
CA PRO A 410 9.35 20.55 -20.86
C PRO A 410 8.86 21.89 -20.36
N ASP A 411 7.84 22.48 -20.99
CA ASP A 411 7.25 23.71 -20.47
C ASP A 411 6.22 23.45 -19.38
N VAL A 412 5.84 22.19 -19.17
CA VAL A 412 4.81 21.83 -18.20
C VAL A 412 5.33 20.83 -17.19
N VAL A 413 6.13 19.87 -17.63
CA VAL A 413 6.65 18.80 -16.79
C VAL A 413 8.10 19.14 -16.44
N ARG A 414 8.35 19.43 -15.17
CA ARG A 414 9.69 19.75 -14.70
C ARG A 414 10.58 18.51 -14.65
N ASP A 415 10.05 17.38 -14.16
CA ASP A 415 10.79 16.18 -13.81
CA ASP A 415 10.76 16.14 -14.18
C ASP A 415 9.79 15.03 -13.86
N THR A 416 10.24 13.81 -14.16
CA THR A 416 9.47 12.60 -13.94
C THR A 416 10.39 11.62 -13.25
N SER A 417 9.99 11.14 -12.07
CA SER A 417 10.77 10.16 -11.33
C SER A 417 10.15 8.78 -11.55
N TRP A 418 10.99 7.82 -11.89
CA TRP A 418 10.52 6.48 -12.21
C TRP A 418 11.73 5.56 -12.27
N ALA A 419 11.49 4.27 -12.50
CA ALA A 419 12.53 3.27 -12.35
C ALA A 419 13.69 3.47 -13.32
N LEU A 420 13.41 4.05 -14.49
CA LEU A 420 14.41 4.15 -15.55
C LEU A 420 14.87 5.59 -15.77
N ASP A 421 14.66 6.46 -14.80
CA ASP A 421 15.24 7.78 -14.89
C ASP A 421 16.75 7.72 -14.65
N THR A 422 17.43 8.87 -14.70
CA THR A 422 18.89 8.87 -14.55
C THR A 422 19.33 8.61 -13.11
N ARG A 423 18.45 8.81 -12.12
CA ARG A 423 18.81 8.48 -10.75
C ARG A 423 18.80 6.98 -10.52
N SER A 424 17.79 6.30 -11.06
CA SER A 424 17.45 4.96 -10.63
C SER A 424 17.79 3.85 -11.62
N ALA A 425 18.06 4.17 -12.88
CA ALA A 425 18.15 3.13 -13.90
C ALA A 425 19.26 2.12 -13.59
N ALA A 426 20.42 2.60 -13.15
CA ALA A 426 21.53 1.68 -12.89
C ALA A 426 21.17 0.70 -11.78
N ASN A 427 20.60 1.21 -10.68
CA ASN A 427 20.23 0.30 -9.58
C ASN A 427 19.12 -0.65 -10.00
N TYR A 428 18.17 -0.17 -10.79
CA TYR A 428 17.07 -1.03 -11.24
C TYR A 428 17.60 -2.16 -12.11
N ARG A 429 18.56 -1.85 -13.00
CA ARG A 429 19.11 -2.86 -13.90
C ARG A 429 19.77 -4.01 -13.14
N LYS A 430 20.25 -3.76 -11.92
CA LYS A 430 20.92 -4.81 -11.15
C LYS A 430 19.97 -5.94 -10.78
N VAL A 431 18.69 -5.66 -10.63
CA VAL A 431 17.71 -6.68 -10.24
C VAL A 431 16.62 -6.90 -11.27
N ALA A 432 16.58 -6.13 -12.35
CA ALA A 432 15.53 -6.29 -13.35
C ALA A 432 15.65 -7.63 -14.06
N ARG A 433 14.50 -8.23 -14.34
CA ARG A 433 14.48 -9.46 -15.11
C ARG A 433 14.75 -9.16 -16.58
N ASP A 434 15.20 -10.20 -17.30
CA ASP A 434 15.60 -10.01 -18.70
C ASP A 434 14.46 -9.44 -19.52
N SER A 435 13.23 -9.88 -19.27
CA SER A 435 12.07 -9.31 -19.92
C SER A 435 11.48 -8.15 -19.15
N GLY A 436 12.10 -7.75 -18.04
CA GLY A 436 11.44 -6.85 -17.10
C GLY A 436 11.43 -5.40 -17.56
N GLY A 437 10.31 -4.74 -17.30
CA GLY A 437 10.13 -3.33 -17.58
C GLY A 437 10.04 -2.51 -16.30
N PRO A 438 9.64 -1.25 -16.42
CA PRO A 438 9.69 -0.32 -15.29
C PRO A 438 8.50 -0.40 -14.35
N GLY A 439 7.50 -1.24 -14.63
CA GLY A 439 6.26 -1.14 -13.90
C GLY A 439 5.45 0.06 -14.38
N GLY A 440 4.35 0.32 -13.66
CA GLY A 440 3.36 1.26 -14.14
C GLY A 440 3.36 2.66 -13.58
N LEU A 441 4.25 2.99 -12.66
CA LEU A 441 4.13 4.26 -11.94
C LEU A 441 5.13 5.28 -12.45
N LEU A 442 4.66 6.53 -12.55
CA LEU A 442 5.50 7.65 -12.92
C LEU A 442 5.13 8.81 -12.01
N MET A 443 6.11 9.40 -11.34
CA MET A 443 5.85 10.51 -10.43
C MET A 443 6.19 11.81 -11.15
N VAL A 444 5.17 12.55 -11.53
CA VAL A 444 5.30 13.68 -12.46
C VAL A 444 5.36 14.97 -11.65
N ASP A 445 6.43 15.72 -11.82
CA ASP A 445 6.65 16.99 -11.15
C ASP A 445 6.32 18.12 -12.12
N LEU A 446 5.36 18.97 -11.78
CA LEU A 446 4.84 19.96 -12.71
C LEU A 446 5.41 21.36 -12.43
N GLU A 447 5.65 22.09 -13.53
CA GLU A 447 6.04 23.50 -13.49
CA GLU A 447 6.04 23.50 -13.47
C GLU A 447 4.86 24.43 -13.33
N VAL A 448 3.64 23.93 -13.40
CA VAL A 448 2.42 24.72 -13.32
C VAL A 448 1.61 24.20 -12.14
N PRO A 449 0.65 24.97 -11.64
CA PRO A 449 -0.23 24.44 -10.59
C PRO A 449 -0.89 23.15 -11.05
N LEU A 450 -1.01 22.21 -10.11
CA LEU A 450 -1.58 20.90 -10.41
C LEU A 450 -2.92 21.02 -11.13
N GLU A 451 -3.73 22.00 -10.75
CA GLU A 451 -5.08 22.22 -11.31
CA GLU A 451 -5.07 22.12 -11.30
C GLU A 451 -5.06 22.24 -12.83
N LEU A 452 -4.02 22.85 -13.41
CA LEU A 452 -4.01 23.09 -14.85
C LEU A 452 -3.85 21.81 -15.65
N VAL A 453 -3.37 20.74 -15.04
CA VAL A 453 -3.25 19.43 -15.67
C VAL A 453 -4.28 18.46 -15.12
N TYR A 454 -4.33 18.34 -13.79
CA TYR A 454 -5.14 17.32 -13.14
C TYR A 454 -6.62 17.51 -13.43
N ASP A 455 -7.13 18.74 -13.33
CA ASP A 455 -8.57 18.94 -13.41
C ASP A 455 -9.13 18.48 -14.75
N ARG A 456 -8.39 18.68 -15.84
CA ARG A 456 -8.86 18.36 -17.17
C ARG A 456 -8.44 16.97 -17.65
N LEU A 457 -7.59 16.28 -16.90
CA LEU A 457 -7.06 15.00 -17.34
C LEU A 457 -8.16 13.94 -17.28
N ALA A 458 -8.36 13.24 -18.40
CA ALA A 458 -9.44 12.25 -18.51
C ALA A 458 -8.91 10.85 -18.15
N VAL A 459 -8.60 10.67 -16.87
CA VAL A 459 -8.29 9.37 -16.29
C VAL A 459 -9.02 9.26 -14.96
N ALA A 460 -8.99 8.10 -14.34
CA ALA A 460 -9.58 7.94 -13.02
C ALA A 460 -8.65 8.59 -12.00
N LYS A 461 -9.13 9.61 -11.32
CA LYS A 461 -8.31 10.39 -10.39
C LYS A 461 -8.78 10.14 -8.98
N GLY A 462 -7.90 9.71 -8.11
CA GLY A 462 -8.26 9.34 -6.76
C GLY A 462 -7.21 8.43 -6.17
N PRO A 463 -7.54 7.83 -5.03
CA PRO A 463 -6.54 7.04 -4.30
C PRO A 463 -6.29 5.66 -4.88
N SER A 464 -5.17 5.07 -4.46
CA SER A 464 -4.68 3.76 -4.87
C SER A 464 -4.04 3.80 -6.25
N PHE A 465 -3.65 2.65 -6.76
CA PHE A 465 -2.99 2.52 -8.06
C PHE A 465 -3.05 1.06 -8.45
N GLY A 466 -2.56 0.76 -9.65
CA GLY A 466 -2.38 -0.62 -10.05
C GLY A 466 -3.61 -1.26 -10.64
N ALA A 467 -4.51 -0.48 -11.23
CA ALA A 467 -5.65 -1.02 -11.94
C ALA A 467 -5.31 -1.26 -13.41
N GLU A 468 -6.20 -1.97 -14.10
CA GLU A 468 -6.05 -2.13 -15.54
C GLU A 468 -6.51 -0.92 -16.32
N PHE A 469 -7.15 0.05 -15.66
CA PHE A 469 -7.40 1.36 -16.24
C PHE A 469 -6.42 2.35 -15.64
N THR A 470 -6.06 3.35 -16.44
CA THR A 470 -5.07 4.33 -16.00
C THR A 470 -5.66 5.21 -14.91
N MET A 471 -4.84 5.46 -13.89
CA MET A 471 -5.23 6.26 -12.73
C MET A 471 -4.20 7.33 -12.48
N ALA A 472 -4.62 8.37 -11.76
CA ALA A 472 -3.65 9.34 -11.27
C ALA A 472 -4.04 9.80 -9.89
N SER A 473 -3.03 10.05 -9.05
CA SER A 473 -3.27 10.49 -7.70
C SER A 473 -2.50 11.76 -7.42
N PRO A 474 -3.13 12.75 -6.76
CA PRO A 474 -2.42 13.95 -6.25
C PRO A 474 -1.69 13.55 -4.98
N GLN A 475 -0.62 12.76 -5.14
CA GLN A 475 -0.19 11.90 -4.04
C GLN A 475 0.43 12.68 -2.88
N VAL A 476 0.98 13.87 -3.12
CA VAL A 476 1.48 14.65 -1.99
C VAL A 476 0.33 15.12 -1.11
N PHE A 477 -0.84 15.39 -1.70
CA PHE A 477 -2.02 15.70 -0.89
C PHE A 477 -2.48 14.48 -0.10
N VAL A 478 -2.44 13.29 -0.72
CA VAL A 478 -2.88 12.07 -0.04
C VAL A 478 -1.97 11.75 1.14
N ALA A 479 -0.66 11.76 0.90
CA ALA A 479 0.30 11.36 1.92
C ALA A 479 0.58 12.45 2.94
N HIS A 480 0.56 13.71 2.54
CA HIS A 480 1.17 14.76 3.35
C HIS A 480 0.37 16.06 3.27
N TYR A 481 -0.97 15.98 3.26
CA TYR A 481 -1.74 17.21 3.18
C TYR A 481 -1.35 18.18 4.29
N ASP A 482 -1.16 17.68 5.50
CA ASP A 482 -0.85 18.55 6.63
C ASP A 482 0.41 19.37 6.37
N LEU A 483 1.42 18.77 5.74
CA LEU A 483 2.65 19.50 5.47
C LEU A 483 2.50 20.51 4.34
N LEU A 484 1.57 20.28 3.42
CA LEU A 484 1.36 21.25 2.34
C LEU A 484 0.79 22.57 2.81
N THR A 485 0.23 22.61 4.03
CA THR A 485 -0.61 23.73 4.45
C THR A 485 0.17 24.92 5.02
N THR A 486 1.47 24.80 5.31
CA THR A 486 2.20 25.91 5.90
C THR A 486 3.58 26.01 5.27
N PRO A 487 4.22 27.17 5.38
CA PRO A 487 5.60 27.30 4.86
C PRO A 487 6.58 26.31 5.45
N ARG A 488 6.54 26.06 6.77
CA ARG A 488 7.50 25.10 7.34
C ARG A 488 7.19 23.68 6.89
N GLY A 489 5.91 23.34 6.76
CA GLY A 489 5.60 22.03 6.23
C GLY A 489 6.07 21.87 4.80
N ARG A 490 5.93 22.92 3.99
CA ARG A 490 6.38 22.81 2.60
C ARG A 490 7.89 22.73 2.53
N ALA A 491 8.60 23.37 3.45
CA ALA A 491 10.05 23.24 3.51
C ALA A 491 10.45 21.80 3.84
N ALA A 492 9.74 21.18 4.77
CA ALA A 492 10.01 19.78 5.10
C ALA A 492 9.80 18.90 3.88
N LEU A 493 8.71 19.13 3.15
CA LEU A 493 8.47 18.34 1.94
C LEU A 493 9.56 18.58 0.90
N ARG A 494 9.96 19.84 0.73
CA ARG A 494 11.03 20.18 -0.20
C ARG A 494 12.30 19.39 0.10
N ALA A 495 12.60 19.19 1.38
CA ALA A 495 13.79 18.42 1.74
C ALA A 495 13.68 16.97 1.31
N ARG A 496 12.47 16.46 1.11
CA ARG A 496 12.24 15.11 0.61
C ARG A 496 12.08 15.08 -0.90
N GLY A 497 12.24 16.20 -1.59
CA GLY A 497 12.06 16.24 -3.03
C GLY A 497 10.62 16.34 -3.47
N LEU A 498 9.71 16.77 -2.60
CA LEU A 498 8.29 16.77 -2.90
C LEU A 498 7.71 18.18 -2.79
N HIS A 499 6.65 18.42 -3.55
CA HIS A 499 5.90 19.66 -3.43
C HIS A 499 4.48 19.41 -3.93
N ARG A 500 3.66 20.43 -3.77
CA ARG A 500 2.22 20.37 -4.03
C ARG A 500 1.93 19.85 -5.44
N ASP A 501 2.65 20.36 -6.43
CA ASP A 501 2.20 20.22 -7.81
C ASP A 501 2.84 19.01 -8.48
N MET A 502 2.44 17.83 -7.99
CA MET A 502 2.94 16.56 -8.45
C MET A 502 1.76 15.62 -8.65
N LEU A 503 1.90 14.76 -9.65
CA LEU A 503 0.85 13.80 -9.98
CA LEU A 503 0.86 13.77 -9.86
C LEU A 503 1.50 12.42 -10.12
N ARG A 504 1.03 11.44 -9.37
CA ARG A 504 1.50 10.08 -9.51
C ARG A 504 0.59 9.38 -10.50
N VAL A 505 1.14 9.02 -11.65
CA VAL A 505 0.38 8.32 -12.69
C VAL A 505 0.60 6.82 -12.52
N SER A 506 -0.48 6.06 -12.64
CA SER A 506 -0.44 4.59 -12.61
C SER A 506 -1.08 4.14 -13.92
N VAL A 507 -0.25 3.73 -14.89
CA VAL A 507 -0.81 3.38 -16.19
C VAL A 507 -1.54 2.04 -16.14
N GLY A 508 -2.61 1.97 -16.91
CA GLY A 508 -3.38 0.74 -17.08
C GLY A 508 -2.90 -0.02 -18.31
N THR A 509 -3.82 -0.77 -18.90
CA THR A 509 -3.52 -1.63 -20.04
C THR A 509 -4.15 -1.13 -21.33
N GLU A 510 -4.63 0.12 -21.36
CA GLU A 510 -5.22 0.68 -22.57
C GLU A 510 -4.17 0.78 -23.67
N PRO A 511 -4.56 1.00 -24.93
CA PRO A 511 -3.56 1.17 -25.99
C PRO A 511 -2.65 2.35 -25.68
N PRO A 512 -1.34 2.21 -25.89
CA PRO A 512 -0.40 3.27 -25.52
C PRO A 512 -0.68 4.59 -26.21
N GLU A 513 -1.09 4.55 -27.48
CA GLU A 513 -1.37 5.78 -28.21
C GLU A 513 -2.55 6.54 -27.59
N LEU A 514 -3.51 5.82 -27.00
CA LEU A 514 -4.64 6.50 -26.37
C LEU A 514 -4.25 7.12 -25.03
N ILE A 515 -3.42 6.43 -24.25
CA ILE A 515 -2.88 7.03 -23.03
C ILE A 515 -2.08 8.28 -23.37
N VAL A 516 -1.20 8.17 -24.37
CA VAL A 516 -0.38 9.32 -24.76
C VAL A 516 -1.26 10.49 -25.19
N GLU A 517 -2.28 10.21 -26.02
CA GLU A 517 -3.15 11.29 -26.48
C GLU A 517 -3.89 11.93 -25.31
N THR A 518 -4.36 11.13 -24.36
CA THR A 518 -5.06 11.65 -23.19
C THR A 518 -4.19 12.62 -22.40
N PHE A 519 -2.91 12.26 -22.21
CA PHE A 519 -2.02 13.15 -21.47
C PHE A 519 -1.62 14.37 -22.31
N GLU A 520 -1.41 14.19 -23.61
CA GLU A 520 -1.10 15.34 -24.46
C GLU A 520 -2.19 16.40 -24.36
N ARG A 521 -3.46 15.98 -24.33
CA ARG A 521 -4.55 16.93 -24.27
C ARG A 521 -4.60 17.65 -22.92
N ALA A 522 -4.20 16.98 -21.84
CA ALA A 522 -4.21 17.63 -20.54
C ALA A 522 -2.98 18.51 -20.33
N LEU A 523 -1.88 18.19 -20.99
CA LEU A 523 -0.65 18.95 -20.81
C LEU A 523 -0.58 20.21 -21.66
N ARG A 524 -1.35 20.27 -22.75
CA ARG A 524 -1.24 21.47 -23.57
C ARG A 524 -2.17 22.57 -23.04
N PRO A 525 -1.81 23.85 -23.28
CA PRO A 525 -2.66 24.98 -22.90
C PRO A 525 -3.76 25.25 -23.93
#